data_1UAL
#
_entry.id   1UAL
#
_cell.length_a   93.688
_cell.length_b   93.688
_cell.length_c   177.667
_cell.angle_alpha   90.00
_cell.angle_beta   90.00
_cell.angle_gamma   120.00
#
_symmetry.space_group_name_H-M   'H 3 2'
#
loop_
_entity.id
_entity.type
_entity.pdbx_description
1 polymer 'tRNA (Guanine-N(1)-)-methyltransferase'
2 non-polymer S-ADENOSYL-L-HOMOCYSTEINE
3 water water
#
_entity_poly.entity_id   1
_entity_poly.type   'polypeptide(L)'
_entity_poly.pdbx_seq_one_letter_code
;MGSSHHHHHHSSGLVPRGSHMWIGVISLFPEMFKAITEFGVTGRAVKHNLLKVECWNPRDFTFDKHKTVDDRPYGGGPGM
LMMVQPLRDAIHTAKAAAGEGAKVIYLSPQGRKLDQGGVTELAQNQKLILVCGRYEGIDERLIQTEIDEEWSIGDYVLTG
GELPAMTLIDAVARFIPGVLGKQASAEEDSFADGLLDCPHYTRPEVLEGLTVPPVLMSGHHEEIRKWRLKQSLQRTWLRR
PELLEGLALTDEQRKLLKEAQAEHNSLEHHHHHH
;
_entity_poly.pdbx_strand_id   A
#
# COMPACT_ATOMS: atom_id res chain seq x y z
N SER A 19 -4.17 -17.93 10.69
CA SER A 19 -3.97 -16.45 10.57
C SER A 19 -5.24 -15.78 10.04
N HIS A 20 -5.34 -14.47 10.24
CA HIS A 20 -6.48 -13.71 9.76
C HIS A 20 -6.38 -13.48 8.26
N MET A 21 -5.16 -13.35 7.77
CA MET A 21 -4.94 -13.13 6.34
C MET A 21 -3.72 -13.89 5.84
N TRP A 22 -3.90 -14.59 4.73
CA TRP A 22 -2.84 -15.38 4.12
C TRP A 22 -2.51 -14.76 2.77
N ILE A 23 -1.23 -14.52 2.53
CA ILE A 23 -0.80 -13.92 1.28
C ILE A 23 0.25 -14.78 0.57
N GLY A 24 -0.11 -15.28 -0.60
CA GLY A 24 0.81 -16.07 -1.39
C GLY A 24 1.54 -15.10 -2.30
N VAL A 25 2.83 -15.31 -2.48
CA VAL A 25 3.62 -14.42 -3.34
C VAL A 25 4.41 -15.20 -4.39
N ILE A 26 4.41 -14.69 -5.62
CA ILE A 26 5.19 -15.31 -6.70
C ILE A 26 6.28 -14.29 -6.98
N SER A 27 7.53 -14.68 -6.75
CA SER A 27 8.65 -13.74 -6.94
C SER A 27 9.99 -14.43 -7.16
N LEU A 28 10.81 -13.81 -8.00
CA LEU A 28 12.15 -14.33 -8.27
C LEU A 28 13.10 -14.02 -7.10
N PHE A 29 12.63 -13.17 -6.18
CA PHE A 29 13.45 -12.78 -5.02
C PHE A 29 12.68 -12.84 -3.69
N PRO A 30 12.28 -14.04 -3.25
CA PRO A 30 11.53 -14.23 -1.99
C PRO A 30 12.17 -13.55 -0.79
N GLU A 31 13.49 -13.53 -0.75
CA GLU A 31 14.21 -12.93 0.37
C GLU A 31 13.92 -11.45 0.57
N MET A 32 13.45 -10.77 -0.48
CA MET A 32 13.13 -9.36 -0.34
C MET A 32 12.02 -9.17 0.68
N PHE A 33 11.14 -10.16 0.77
CA PHE A 33 10.01 -10.03 1.68
C PHE A 33 10.34 -10.05 3.18
N LYS A 34 11.58 -10.37 3.50
CA LYS A 34 12.01 -10.34 4.90
C LYS A 34 11.86 -8.90 5.39
N ALA A 35 11.89 -7.95 4.46
CA ALA A 35 11.78 -6.54 4.83
C ALA A 35 10.48 -6.28 5.60
N ILE A 36 9.43 -7.04 5.30
CA ILE A 36 8.19 -6.85 6.03
C ILE A 36 7.90 -7.98 7.02
N THR A 37 8.42 -9.18 6.75
CA THR A 37 8.17 -10.32 7.64
C THR A 37 9.09 -10.41 8.86
N GLU A 38 10.18 -9.67 8.85
CA GLU A 38 11.14 -9.72 9.96
C GLU A 38 11.29 -8.44 10.77
N PHE A 39 10.62 -7.37 10.36
CA PHE A 39 10.76 -6.10 11.06
C PHE A 39 9.48 -5.33 11.35
N GLY A 40 9.50 -4.56 12.43
CA GLY A 40 8.36 -3.73 12.79
C GLY A 40 7.04 -4.43 13.08
N VAL A 41 5.96 -3.67 13.03
CA VAL A 41 4.63 -4.20 13.30
C VAL A 41 4.24 -5.33 12.36
N THR A 42 4.66 -5.26 11.09
CA THR A 42 4.31 -6.31 10.16
C THR A 42 5.07 -7.58 10.52
N GLY A 43 6.31 -7.41 10.98
CA GLY A 43 7.13 -8.55 11.36
C GLY A 43 6.52 -9.23 12.58
N ARG A 44 6.04 -8.42 13.51
CA ARG A 44 5.40 -8.95 14.73
C ARG A 44 4.14 -9.72 14.32
N ALA A 45 3.37 -9.14 13.41
CA ALA A 45 2.15 -9.77 12.94
C ALA A 45 2.41 -11.14 12.35
N VAL A 46 3.51 -11.27 11.62
CA VAL A 46 3.87 -12.55 11.00
C VAL A 46 4.29 -13.56 12.06
N LYS A 47 5.17 -13.14 12.97
CA LYS A 47 5.64 -14.04 14.02
C LYS A 47 4.48 -14.49 14.90
N HIS A 48 3.48 -13.64 15.05
CA HIS A 48 2.31 -13.96 15.88
C HIS A 48 1.17 -14.64 15.11
N ASN A 49 1.43 -14.99 13.85
CA ASN A 49 0.45 -15.67 13.01
C ASN A 49 -0.82 -14.90 12.68
N LEU A 50 -0.75 -13.57 12.69
CA LEU A 50 -1.92 -12.76 12.34
C LEU A 50 -1.89 -12.59 10.83
N LEU A 51 -0.68 -12.64 10.29
CA LEU A 51 -0.42 -12.51 8.86
C LEU A 51 0.52 -13.63 8.44
N LYS A 52 0.22 -14.26 7.30
CA LYS A 52 1.07 -15.33 6.79
C LYS A 52 1.49 -14.97 5.38
N VAL A 53 2.80 -14.99 5.12
CA VAL A 53 3.32 -14.68 3.79
C VAL A 53 4.12 -15.89 3.29
N GLU A 54 3.61 -16.52 2.24
CA GLU A 54 4.26 -17.71 1.68
C GLU A 54 4.69 -17.42 0.25
N CYS A 55 5.95 -17.71 -0.06
CA CYS A 55 6.49 -17.44 -1.39
C CYS A 55 6.82 -18.64 -2.26
N TRP A 56 6.67 -18.44 -3.56
CA TRP A 56 7.00 -19.45 -4.57
C TRP A 56 7.86 -18.71 -5.58
N ASN A 57 8.99 -19.31 -5.93
CA ASN A 57 9.94 -18.70 -6.86
C ASN A 57 9.94 -19.40 -8.21
N PRO A 58 9.61 -18.68 -9.29
CA PRO A 58 9.59 -19.30 -10.63
C PRO A 58 10.86 -20.08 -10.97
N ARG A 59 12.00 -19.64 -10.45
CA ARG A 59 13.26 -20.33 -10.74
C ARG A 59 13.20 -21.80 -10.31
N ASP A 60 12.44 -22.07 -9.26
CA ASP A 60 12.29 -23.44 -8.75
C ASP A 60 11.47 -24.32 -9.67
N PHE A 61 10.79 -23.70 -10.63
CA PHE A 61 9.95 -24.44 -11.57
C PHE A 61 10.58 -24.57 -12.95
N THR A 62 11.85 -24.21 -13.07
CA THR A 62 12.55 -24.31 -14.35
C THR A 62 13.13 -25.70 -14.48
N PHE A 63 13.42 -26.12 -15.72
CA PHE A 63 13.99 -27.44 -15.96
C PHE A 63 15.30 -27.43 -16.74
N ASP A 64 15.66 -26.32 -17.34
CA ASP A 64 16.91 -26.28 -18.09
C ASP A 64 18.10 -26.16 -17.14
N LYS A 65 19.27 -26.54 -17.64
CA LYS A 65 20.50 -26.52 -16.86
C LYS A 65 20.78 -25.21 -16.14
N HIS A 66 20.51 -24.10 -16.80
CA HIS A 66 20.78 -22.80 -16.21
C HIS A 66 19.60 -22.10 -15.53
N LYS A 67 18.52 -22.84 -15.31
CA LYS A 67 17.33 -22.31 -14.64
C LYS A 67 16.94 -20.93 -15.18
N THR A 68 16.66 -20.89 -16.48
CA THR A 68 16.29 -19.65 -17.16
C THR A 68 14.88 -19.18 -16.80
N VAL A 69 14.76 -17.91 -16.38
CA VAL A 69 13.45 -17.38 -16.00
C VAL A 69 12.97 -16.22 -16.86
N ASP A 70 13.74 -15.83 -17.87
CA ASP A 70 13.31 -14.76 -18.76
C ASP A 70 13.22 -15.30 -20.19
N ASP A 71 12.66 -14.51 -21.10
CA ASP A 71 12.51 -14.96 -22.49
C ASP A 71 12.37 -13.73 -23.38
N ARG A 72 12.56 -13.94 -24.68
CA ARG A 72 12.48 -12.84 -25.64
C ARG A 72 11.07 -12.43 -26.01
N PRO A 73 10.83 -11.11 -26.10
CA PRO A 73 9.49 -10.65 -26.45
C PRO A 73 9.28 -10.76 -27.97
N TYR A 74 8.10 -11.20 -28.37
CA TYR A 74 7.78 -11.30 -29.79
C TYR A 74 7.71 -9.88 -30.32
N GLY A 75 8.19 -9.66 -31.54
CA GLY A 75 8.16 -8.34 -32.13
C GLY A 75 9.47 -7.61 -31.96
N GLY A 76 10.39 -8.24 -31.22
CA GLY A 76 11.68 -7.63 -30.98
C GLY A 76 11.62 -6.52 -29.95
N GLY A 77 12.42 -5.48 -30.15
CA GLY A 77 12.45 -4.39 -29.20
C GLY A 77 13.32 -4.76 -28.03
N PRO A 78 13.97 -3.79 -27.38
CA PRO A 78 14.84 -4.09 -26.24
C PRO A 78 14.07 -4.65 -25.04
N GLY A 79 14.80 -5.30 -24.14
CA GLY A 79 14.19 -5.86 -22.95
C GLY A 79 13.75 -7.30 -23.08
N MET A 80 13.54 -7.94 -21.93
CA MET A 80 13.10 -9.32 -21.88
C MET A 80 11.80 -9.37 -21.08
N LEU A 81 11.19 -10.54 -21.01
CA LEU A 81 9.96 -10.74 -20.26
C LEU A 81 10.12 -11.97 -19.38
N MET A 82 9.23 -12.11 -18.41
CA MET A 82 9.28 -13.29 -17.55
C MET A 82 8.95 -14.46 -18.45
N MET A 83 9.67 -15.56 -18.29
CA MET A 83 9.41 -16.75 -19.11
C MET A 83 8.06 -17.30 -18.65
N VAL A 84 7.20 -17.67 -19.59
CA VAL A 84 5.87 -18.17 -19.28
C VAL A 84 5.77 -19.44 -18.44
N GLN A 85 6.35 -20.53 -18.92
CA GLN A 85 6.23 -21.81 -18.21
C GLN A 85 6.60 -21.80 -16.72
N PRO A 86 7.78 -21.28 -16.35
CA PRO A 86 8.15 -21.27 -14.93
C PRO A 86 7.21 -20.41 -14.08
N LEU A 87 6.81 -19.26 -14.64
CA LEU A 87 5.91 -18.35 -13.94
C LEU A 87 4.52 -18.96 -13.81
N ARG A 88 4.02 -19.53 -14.90
CA ARG A 88 2.71 -20.15 -14.91
C ARG A 88 2.64 -21.30 -13.91
N ASP A 89 3.68 -22.13 -13.90
CA ASP A 89 3.71 -23.26 -12.98
C ASP A 89 3.77 -22.80 -11.53
N ALA A 90 4.50 -21.71 -11.27
CA ALA A 90 4.60 -21.18 -9.92
C ALA A 90 3.22 -20.70 -9.47
N ILE A 91 2.52 -20.02 -10.36
CA ILE A 91 1.19 -19.50 -10.05
C ILE A 91 0.21 -20.64 -9.76
N HIS A 92 0.27 -21.69 -10.56
CA HIS A 92 -0.61 -22.84 -10.38
C HIS A 92 -0.40 -23.51 -9.03
N THR A 93 0.86 -23.59 -8.61
CA THR A 93 1.19 -24.21 -7.32
C THR A 93 0.63 -23.37 -6.17
N ALA A 94 0.79 -22.05 -6.28
CA ALA A 94 0.30 -21.15 -5.26
C ALA A 94 -1.22 -21.27 -5.14
N LYS A 95 -1.90 -21.32 -6.29
CA LYS A 95 -3.35 -21.44 -6.30
C LYS A 95 -3.81 -22.76 -5.66
N ALA A 96 -3.04 -23.82 -5.88
CA ALA A 96 -3.37 -25.13 -5.32
C ALA A 96 -3.26 -25.08 -3.81
N ALA A 97 -2.25 -24.36 -3.31
CA ALA A 97 -2.03 -24.25 -1.88
C ALA A 97 -3.07 -23.32 -1.23
N ALA A 98 -3.48 -22.28 -1.95
CA ALA A 98 -4.45 -21.32 -1.44
C ALA A 98 -5.85 -21.90 -1.43
N GLY A 99 -6.14 -22.76 -2.40
CA GLY A 99 -7.45 -23.36 -2.48
C GLY A 99 -8.41 -22.40 -3.16
N GLU A 100 -9.71 -22.62 -2.95
CA GLU A 100 -10.72 -21.77 -3.54
C GLU A 100 -10.92 -20.48 -2.75
N GLY A 101 -11.24 -19.40 -3.46
CA GLY A 101 -11.46 -18.13 -2.80
C GLY A 101 -10.29 -17.17 -2.79
N ALA A 102 -9.13 -17.60 -3.31
CA ALA A 102 -7.95 -16.75 -3.33
C ALA A 102 -7.92 -15.86 -4.57
N LYS A 103 -7.94 -14.55 -4.36
CA LYS A 103 -7.91 -13.60 -5.46
C LYS A 103 -6.47 -13.41 -5.92
N VAL A 104 -6.24 -13.54 -7.23
CA VAL A 104 -4.90 -13.40 -7.77
C VAL A 104 -4.69 -12.00 -8.32
N ILE A 105 -3.67 -11.33 -7.82
CA ILE A 105 -3.36 -9.96 -8.23
C ILE A 105 -1.99 -9.84 -8.88
N TYR A 106 -1.93 -9.05 -9.95
CA TYR A 106 -0.67 -8.80 -10.64
C TYR A 106 -0.33 -7.34 -10.37
N LEU A 107 0.85 -7.10 -9.82
CA LEU A 107 1.29 -5.73 -9.55
C LEU A 107 1.75 -5.16 -10.88
N SER A 108 1.16 -4.05 -11.28
CA SER A 108 1.49 -3.43 -12.56
C SER A 108 1.09 -1.96 -12.60
N PRO A 109 1.91 -1.12 -13.24
CA PRO A 109 1.57 0.31 -13.32
C PRO A 109 0.33 0.54 -14.18
N GLN A 110 -0.11 -0.49 -14.91
CA GLN A 110 -1.31 -0.38 -15.74
C GLN A 110 -2.54 -0.80 -14.95
N GLY A 111 -2.33 -1.17 -13.70
CA GLY A 111 -3.46 -1.60 -12.88
C GLY A 111 -4.16 -0.46 -12.17
N ARG A 112 -5.15 -0.81 -11.36
CA ARG A 112 -5.91 0.15 -10.58
C ARG A 112 -4.97 0.82 -9.58
N LYS A 113 -4.90 2.15 -9.60
CA LYS A 113 -4.03 2.86 -8.68
C LYS A 113 -4.51 2.72 -7.24
N LEU A 114 -3.63 2.19 -6.39
CA LEU A 114 -3.96 1.98 -5.00
C LEU A 114 -4.19 3.27 -4.22
N ASP A 115 -5.20 3.25 -3.36
CA ASP A 115 -5.51 4.37 -2.47
C ASP A 115 -6.16 3.74 -1.24
N GLN A 116 -6.37 4.52 -0.18
CA GLN A 116 -6.92 3.97 1.04
C GLN A 116 -8.24 3.23 0.84
N GLY A 117 -9.04 3.70 -0.11
CA GLY A 117 -10.31 3.03 -0.38
C GLY A 117 -10.02 1.64 -0.93
N GLY A 118 -9.07 1.56 -1.85
CA GLY A 118 -8.71 0.28 -2.43
C GLY A 118 -8.09 -0.63 -1.37
N VAL A 119 -7.37 -0.05 -0.44
CA VAL A 119 -6.75 -0.81 0.63
C VAL A 119 -7.81 -1.51 1.48
N THR A 120 -8.83 -0.76 1.89
CA THR A 120 -9.89 -1.33 2.71
C THR A 120 -10.65 -2.43 1.95
N GLU A 121 -10.75 -2.28 0.64
CA GLU A 121 -11.43 -3.27 -0.18
C GLU A 121 -10.61 -4.56 -0.20
N LEU A 122 -9.31 -4.40 -0.43
CA LEU A 122 -8.40 -5.55 -0.48
C LEU A 122 -8.32 -6.26 0.87
N ALA A 123 -8.40 -5.50 1.94
CA ALA A 123 -8.31 -6.07 3.29
C ALA A 123 -9.50 -6.98 3.62
N GLN A 124 -10.54 -6.96 2.78
CA GLN A 124 -11.71 -7.79 3.02
C GLN A 124 -11.47 -9.24 2.59
N ASN A 125 -10.35 -9.47 1.90
CA ASN A 125 -10.00 -10.80 1.43
C ASN A 125 -9.24 -11.58 2.50
N GLN A 126 -9.57 -12.86 2.65
CA GLN A 126 -8.89 -13.71 3.62
C GLN A 126 -7.62 -14.27 2.98
N LYS A 127 -7.66 -14.43 1.66
CA LYS A 127 -6.52 -14.96 0.90
C LYS A 127 -6.24 -14.14 -0.35
N LEU A 128 -4.96 -13.90 -0.60
CA LEU A 128 -4.54 -13.17 -1.79
C LEU A 128 -3.27 -13.80 -2.31
N ILE A 129 -3.08 -13.78 -3.62
CA ILE A 129 -1.87 -14.29 -4.24
C ILE A 129 -1.38 -13.11 -5.04
N LEU A 130 -0.14 -12.69 -4.77
CA LEU A 130 0.43 -11.54 -5.45
C LEU A 130 1.53 -11.96 -6.41
N VAL A 131 1.35 -11.65 -7.69
CA VAL A 131 2.33 -12.00 -8.71
C VAL A 131 3.25 -10.81 -8.97
N CYS A 132 4.55 -11.02 -8.75
CA CYS A 132 5.55 -9.97 -8.91
C CYS A 132 6.36 -10.20 -10.17
N GLY A 133 6.30 -9.25 -11.09
CA GLY A 133 7.06 -9.39 -12.31
C GLY A 133 8.40 -8.71 -12.22
N ARG A 134 9.23 -8.96 -13.23
CA ARG A 134 10.56 -8.37 -13.35
C ARG A 134 10.76 -8.13 -14.84
N TYR A 135 11.89 -7.54 -15.21
CA TYR A 135 12.16 -7.24 -16.62
C TYR A 135 11.09 -6.28 -17.15
N GLU A 136 10.60 -6.52 -18.37
CA GLU A 136 9.59 -5.64 -18.95
C GLU A 136 8.17 -6.03 -18.53
N GLY A 137 8.06 -7.13 -17.79
CA GLY A 137 6.74 -7.56 -17.34
C GLY A 137 6.44 -9.01 -17.69
N ILE A 138 5.17 -9.32 -17.87
CA ILE A 138 4.76 -10.68 -18.19
C ILE A 138 3.87 -10.75 -19.43
N ASP A 139 3.73 -11.96 -19.96
CA ASP A 139 2.90 -12.20 -21.15
C ASP A 139 1.46 -11.78 -20.89
N GLU A 140 0.89 -10.98 -21.80
CA GLU A 140 -0.47 -10.50 -21.64
C GLU A 140 -1.51 -11.61 -21.50
N ARG A 141 -1.25 -12.75 -22.15
CA ARG A 141 -2.18 -13.87 -22.07
C ARG A 141 -2.26 -14.47 -20.68
N LEU A 142 -1.18 -14.36 -19.91
CA LEU A 142 -1.18 -14.89 -18.53
C LEU A 142 -2.07 -13.99 -17.68
N ILE A 143 -2.07 -12.70 -17.98
CA ILE A 143 -2.89 -11.78 -17.23
C ILE A 143 -4.35 -12.15 -17.44
N GLN A 144 -4.68 -12.54 -18.67
CA GLN A 144 -6.05 -12.92 -19.01
C GLN A 144 -6.48 -14.26 -18.43
N THR A 145 -5.56 -15.23 -18.43
CA THR A 145 -5.88 -16.57 -17.94
C THR A 145 -5.61 -16.86 -16.46
N GLU A 146 -4.75 -16.09 -15.82
CA GLU A 146 -4.41 -16.36 -14.42
C GLU A 146 -4.66 -15.25 -13.42
N ILE A 147 -4.70 -14.01 -13.90
CA ILE A 147 -4.88 -12.86 -13.03
C ILE A 147 -6.33 -12.39 -12.89
N ASP A 148 -6.74 -12.08 -11.68
CA ASP A 148 -8.09 -11.59 -11.42
C ASP A 148 -8.12 -10.07 -11.48
N GLU A 149 -7.13 -9.44 -10.85
CA GLU A 149 -7.05 -7.99 -10.81
C GLU A 149 -5.62 -7.46 -10.93
N GLU A 150 -5.48 -6.31 -11.58
CA GLU A 150 -4.19 -5.64 -11.73
C GLU A 150 -4.20 -4.41 -10.82
N TRP A 151 -3.15 -4.24 -10.03
CA TRP A 151 -3.06 -3.11 -9.11
C TRP A 151 -1.71 -2.41 -9.20
N SER A 152 -1.75 -1.08 -9.19
CA SER A 152 -0.54 -0.25 -9.23
C SER A 152 -0.41 0.51 -7.91
N ILE A 153 0.81 0.76 -7.45
CA ILE A 153 0.95 1.51 -6.21
C ILE A 153 1.16 2.99 -6.50
N GLY A 154 1.31 3.33 -7.78
CA GLY A 154 1.51 4.72 -8.14
C GLY A 154 1.89 4.91 -9.60
N ASP A 155 1.76 6.14 -10.09
CA ASP A 155 2.09 6.45 -11.47
C ASP A 155 3.58 6.68 -11.70
N TYR A 156 4.36 5.64 -11.43
CA TYR A 156 5.81 5.65 -11.62
C TYR A 156 6.19 4.20 -11.86
N VAL A 157 7.38 3.98 -12.41
CA VAL A 157 7.83 2.63 -12.73
C VAL A 157 8.99 2.14 -11.88
N LEU A 158 8.82 0.96 -11.30
CA LEU A 158 9.85 0.34 -10.48
C LEU A 158 10.48 -0.82 -11.23
N THR A 159 11.58 -1.34 -10.70
CA THR A 159 12.30 -2.44 -11.34
C THR A 159 11.64 -3.80 -11.20
N GLY A 160 10.67 -3.90 -10.28
CA GLY A 160 10.00 -5.17 -10.07
C GLY A 160 8.74 -5.02 -9.23
N GLY A 161 7.93 -6.06 -9.20
CA GLY A 161 6.69 -6.01 -8.44
C GLY A 161 6.80 -6.29 -6.95
N GLU A 162 8.00 -6.61 -6.47
CA GLU A 162 8.18 -6.91 -5.05
C GLU A 162 7.90 -5.75 -4.10
N LEU A 163 8.47 -4.57 -4.37
CA LEU A 163 8.23 -3.44 -3.50
C LEU A 163 6.74 -3.11 -3.53
N PRO A 164 6.11 -3.13 -4.73
CA PRO A 164 4.68 -2.84 -4.81
C PRO A 164 3.86 -3.87 -4.01
N ALA A 165 4.26 -5.14 -4.10
CA ALA A 165 3.56 -6.19 -3.36
C ALA A 165 3.71 -5.98 -1.86
N MET A 166 4.90 -5.67 -1.41
CA MET A 166 5.12 -5.43 0.01
C MET A 166 4.36 -4.22 0.48
N THR A 167 4.25 -3.22 -0.39
CA THR A 167 3.52 -2.01 -0.07
C THR A 167 2.05 -2.36 0.16
N LEU A 168 1.51 -3.20 -0.72
CA LEU A 168 0.12 -3.59 -0.62
C LEU A 168 -0.11 -4.42 0.65
N ILE A 169 0.80 -5.36 0.93
CA ILE A 169 0.68 -6.20 2.11
C ILE A 169 0.73 -5.36 3.39
N ASP A 170 1.69 -4.44 3.45
CA ASP A 170 1.85 -3.58 4.60
C ASP A 170 0.57 -2.74 4.82
N ALA A 171 0.07 -2.13 3.75
CA ALA A 171 -1.13 -1.31 3.85
C ALA A 171 -2.34 -2.08 4.37
N VAL A 172 -2.57 -3.28 3.85
CA VAL A 172 -3.72 -4.07 4.28
C VAL A 172 -3.54 -4.66 5.67
N ALA A 173 -2.29 -4.97 6.04
CA ALA A 173 -2.01 -5.54 7.35
C ALA A 173 -2.45 -4.63 8.49
N ARG A 174 -2.43 -3.32 8.25
CA ARG A 174 -2.83 -2.36 9.27
C ARG A 174 -4.30 -2.51 9.64
N PHE A 175 -5.05 -3.23 8.81
CA PHE A 175 -6.47 -3.44 9.07
C PHE A 175 -6.78 -4.79 9.71
N ILE A 176 -5.74 -5.58 9.96
CA ILE A 176 -5.94 -6.87 10.60
C ILE A 176 -5.96 -6.64 12.10
N PRO A 177 -7.05 -7.06 12.77
CA PRO A 177 -7.16 -6.88 14.23
C PRO A 177 -5.94 -7.42 14.97
N GLY A 178 -5.35 -6.58 15.81
CA GLY A 178 -4.19 -6.99 16.57
C GLY A 178 -2.85 -6.56 16.01
N VAL A 179 -2.82 -6.17 14.74
CA VAL A 179 -1.56 -5.75 14.13
C VAL A 179 -1.08 -4.43 14.73
N LEU A 180 -1.97 -3.44 14.79
CA LEU A 180 -1.62 -2.14 15.36
C LEU A 180 -2.03 -2.10 16.83
N SER A 190 -4.08 9.47 7.99
CA SER A 190 -4.45 10.17 6.77
C SER A 190 -5.37 9.33 5.87
N PHE A 191 -6.24 10.01 5.14
CA PHE A 191 -7.17 9.36 4.21
C PHE A 191 -8.20 8.47 4.88
N ALA A 192 -8.08 8.28 6.19
CA ALA A 192 -9.03 7.45 6.92
C ALA A 192 -10.40 8.12 6.88
N ASP A 193 -10.38 9.45 6.96
CA ASP A 193 -11.59 10.26 6.93
C ASP A 193 -11.53 11.11 5.66
N GLY A 194 -10.65 10.72 4.75
CA GLY A 194 -10.50 11.46 3.51
C GLY A 194 -9.67 12.70 3.70
N LEU A 195 -9.10 12.87 4.89
CA LEU A 195 -8.29 14.03 5.21
C LEU A 195 -6.87 13.69 5.62
N LEU A 196 -5.96 14.65 5.42
CA LEU A 196 -4.57 14.46 5.81
C LEU A 196 -4.52 14.54 7.33
N ASP A 197 -3.49 13.95 7.93
CA ASP A 197 -3.37 13.95 9.37
C ASP A 197 -2.90 15.32 9.87
N CYS A 198 -3.08 15.55 11.16
CA CYS A 198 -2.67 16.81 11.76
C CYS A 198 -1.20 16.70 12.19
N PRO A 199 -0.56 17.83 12.53
CA PRO A 199 0.83 17.81 12.96
C PRO A 199 0.92 17.12 14.31
N HIS A 200 2.07 16.55 14.61
CA HIS A 200 2.29 15.88 15.88
C HIS A 200 3.48 16.51 16.57
N TYR A 201 3.47 16.48 17.90
CA TYR A 201 4.56 17.05 18.68
C TYR A 201 4.87 16.17 19.88
N THR A 202 6.14 16.14 20.26
CA THR A 202 6.58 15.39 21.42
C THR A 202 7.72 16.20 22.04
N ARG A 203 8.33 15.68 23.10
CA ARG A 203 9.41 16.39 23.80
C ARG A 203 10.54 16.78 22.85
N PRO A 204 11.21 17.91 23.13
CA PRO A 204 11.00 18.84 24.24
C PRO A 204 9.98 19.94 23.94
N GLU A 205 9.56 20.65 24.99
CA GLU A 205 8.60 21.73 24.83
C GLU A 205 9.07 22.80 23.83
N VAL A 206 10.37 23.06 23.84
CA VAL A 206 10.95 24.04 22.93
C VAL A 206 12.07 23.37 22.13
N LEU A 207 11.99 23.47 20.80
CA LEU A 207 12.99 22.86 19.94
C LEU A 207 13.51 23.88 18.92
N GLU A 208 14.78 24.24 19.07
CA GLU A 208 15.40 25.21 18.19
C GLU A 208 14.55 26.48 18.11
N GLY A 209 14.12 26.94 19.28
CA GLY A 209 13.33 28.15 19.37
C GLY A 209 11.85 27.97 19.07
N LEU A 210 11.47 26.81 18.55
CA LEU A 210 10.06 26.54 18.23
C LEU A 210 9.35 25.84 19.38
N THR A 211 8.23 26.42 19.80
CA THR A 211 7.46 25.86 20.90
C THR A 211 6.32 24.99 20.39
N VAL A 212 5.79 24.15 21.27
CA VAL A 212 4.66 23.30 20.94
C VAL A 212 3.43 24.19 21.06
N PRO A 213 2.44 24.03 20.16
CA PRO A 213 1.26 24.86 20.28
C PRO A 213 0.68 24.78 21.69
N PRO A 214 0.52 25.91 22.37
CA PRO A 214 -0.01 25.97 23.73
C PRO A 214 -1.23 25.09 24.01
N VAL A 215 -2.16 25.02 23.04
CA VAL A 215 -3.37 24.23 23.23
C VAL A 215 -3.10 22.75 23.51
N LEU A 216 -2.08 22.20 22.88
CA LEU A 216 -1.76 20.78 23.07
C LEU A 216 -1.25 20.46 24.46
N MET A 217 -0.89 21.49 25.23
CA MET A 217 -0.39 21.25 26.58
C MET A 217 -1.30 21.86 27.63
N SER A 218 -2.54 22.15 27.22
CA SER A 218 -3.53 22.73 28.11
C SER A 218 -4.30 21.65 28.88
N GLY A 219 -4.34 20.45 28.33
CA GLY A 219 -5.06 19.37 28.97
C GLY A 219 -6.55 19.47 28.68
N HIS A 220 -6.92 20.37 27.77
CA HIS A 220 -8.31 20.56 27.39
C HIS A 220 -8.67 19.58 26.26
N HIS A 221 -9.10 18.39 26.64
CA HIS A 221 -9.43 17.35 25.69
C HIS A 221 -10.28 17.79 24.50
N GLU A 222 -11.38 18.49 24.76
CA GLU A 222 -12.27 18.95 23.70
C GLU A 222 -11.60 19.95 22.76
N GLU A 223 -10.85 20.90 23.32
CA GLU A 223 -10.16 21.88 22.48
C GLU A 223 -9.09 21.21 21.63
N ILE A 224 -8.44 20.20 22.20
CA ILE A 224 -7.40 19.48 21.48
C ILE A 224 -8.00 18.71 20.31
N ARG A 225 -9.16 18.08 20.55
CA ARG A 225 -9.84 17.32 19.51
C ARG A 225 -10.15 18.25 18.33
N LYS A 226 -10.68 19.43 18.65
CA LYS A 226 -11.03 20.39 17.60
C LYS A 226 -9.80 20.93 16.88
N TRP A 227 -8.71 21.14 17.61
CA TRP A 227 -7.47 21.63 17.00
C TRP A 227 -6.98 20.63 15.97
N ARG A 228 -6.97 19.36 16.34
CA ARG A 228 -6.51 18.31 15.44
C ARG A 228 -7.38 18.22 14.18
N LEU A 229 -8.70 18.28 14.36
CA LEU A 229 -9.60 18.20 13.23
C LEU A 229 -9.46 19.42 12.30
N LYS A 230 -9.35 20.59 12.90
CA LYS A 230 -9.20 21.82 12.13
C LYS A 230 -7.86 21.82 11.38
N GLN A 231 -6.81 21.32 12.03
CA GLN A 231 -5.50 21.23 11.39
C GLN A 231 -5.57 20.30 10.19
N SER A 232 -6.23 19.16 10.35
CA SER A 232 -6.38 18.20 9.27
C SER A 232 -7.09 18.85 8.09
N LEU A 233 -8.17 19.57 8.38
CA LEU A 233 -8.94 20.25 7.34
C LEU A 233 -8.09 21.31 6.63
N GLN A 234 -7.38 22.12 7.41
CA GLN A 234 -6.54 23.19 6.87
C GLN A 234 -5.42 22.61 5.99
N ARG A 235 -4.76 21.57 6.47
CA ARG A 235 -3.68 20.95 5.72
C ARG A 235 -4.17 20.31 4.43
N THR A 236 -5.33 19.67 4.47
CA THR A 236 -5.88 19.04 3.26
C THR A 236 -6.25 20.12 2.24
N TRP A 237 -6.85 21.21 2.72
CA TRP A 237 -7.25 22.32 1.86
C TRP A 237 -6.04 22.96 1.17
N LEU A 238 -4.99 23.21 1.95
CA LEU A 238 -3.79 23.84 1.40
C LEU A 238 -2.91 22.93 0.53
N ARG A 239 -2.77 21.67 0.92
CA ARG A 239 -1.92 20.75 0.17
C ARG A 239 -2.62 19.90 -0.89
N ARG A 240 -3.80 19.41 -0.58
CA ARG A 240 -4.56 18.56 -1.50
C ARG A 240 -6.01 19.01 -1.60
N PRO A 241 -6.24 20.23 -2.13
CA PRO A 241 -7.61 20.72 -2.25
C PRO A 241 -8.57 19.82 -3.01
N GLU A 242 -8.03 18.98 -3.92
CA GLU A 242 -8.89 18.08 -4.70
C GLU A 242 -9.55 17.05 -3.80
N LEU A 243 -8.83 16.60 -2.78
CA LEU A 243 -9.36 15.61 -1.85
C LEU A 243 -10.60 16.10 -1.11
N LEU A 244 -10.65 17.41 -0.87
CA LEU A 244 -11.79 17.99 -0.17
C LEU A 244 -13.08 18.03 -1.00
N GLU A 245 -12.93 18.35 -2.28
CA GLU A 245 -14.07 18.44 -3.18
C GLU A 245 -14.99 17.23 -3.10
N GLY A 246 -14.44 16.05 -3.36
CA GLY A 246 -15.24 14.84 -3.32
C GLY A 246 -15.45 14.32 -1.90
N LEU A 247 -15.72 15.23 -0.98
CA LEU A 247 -15.92 14.86 0.42
C LEU A 247 -17.14 15.57 0.98
N ALA A 248 -17.98 14.84 1.70
CA ALA A 248 -19.18 15.41 2.31
C ALA A 248 -18.87 15.72 3.76
N LEU A 249 -18.54 16.98 4.04
CA LEU A 249 -18.18 17.40 5.38
C LEU A 249 -19.34 17.47 6.36
N THR A 250 -19.07 17.12 7.61
CA THR A 250 -20.09 17.21 8.66
C THR A 250 -20.22 18.69 8.98
N ASP A 251 -21.24 19.05 9.75
CA ASP A 251 -21.43 20.45 10.11
C ASP A 251 -20.21 20.99 10.86
N GLU A 252 -19.68 20.20 11.79
CA GLU A 252 -18.51 20.63 12.55
C GLU A 252 -17.31 20.84 11.63
N GLN A 253 -17.11 19.92 10.69
CA GLN A 253 -16.01 20.02 9.76
C GLN A 253 -16.16 21.26 8.89
N ARG A 254 -17.38 21.55 8.46
CA ARG A 254 -17.62 22.74 7.63
C ARG A 254 -17.27 24.00 8.43
N LYS A 255 -17.62 24.02 9.71
CA LYS A 255 -17.33 25.17 10.57
C LYS A 255 -15.83 25.37 10.77
N LEU A 256 -15.14 24.31 11.15
CA LEU A 256 -13.71 24.40 11.39
C LEU A 256 -12.93 24.78 10.14
N LEU A 257 -13.35 24.26 8.98
CA LEU A 257 -12.67 24.59 7.73
C LEU A 257 -12.87 26.08 7.43
N LYS A 258 -14.10 26.56 7.63
CA LYS A 258 -14.39 27.97 7.37
C LYS A 258 -13.54 28.84 8.30
N GLU A 259 -13.37 28.39 9.54
CA GLU A 259 -12.56 29.15 10.49
C GLU A 259 -11.11 29.19 10.04
N ALA A 260 -10.60 28.05 9.60
CA ALA A 260 -9.20 27.96 9.14
C ALA A 260 -8.98 28.83 7.91
N GLN A 261 -9.96 28.86 7.00
CA GLN A 261 -9.83 29.67 5.80
C GLN A 261 -9.90 31.16 6.14
N ALA A 262 -10.75 31.51 7.09
CA ALA A 262 -10.89 32.91 7.51
C ALA A 262 -9.59 33.35 8.17
N GLU A 263 -8.99 32.44 8.93
CA GLU A 263 -7.73 32.75 9.61
C GLU A 263 -6.63 32.89 8.56
N HIS A 264 -6.73 32.08 7.52
CA HIS A 264 -5.75 32.13 6.44
C HIS A 264 -5.87 33.46 5.70
N ASN A 265 -7.10 33.91 5.46
CA ASN A 265 -7.33 35.15 4.76
C ASN A 265 -7.05 36.41 5.57
N SER A 266 -6.76 36.25 6.85
CA SER A 266 -6.46 37.40 7.71
C SER A 266 -4.96 37.59 7.84
N LEU A 267 -4.19 36.74 7.16
CA LEU A 267 -2.73 36.81 7.24
C LEU A 267 -2.04 37.05 5.91
N GLU A 268 -0.78 37.49 6.01
CA GLU A 268 0.07 37.71 4.84
C GLU A 268 0.53 36.32 4.43
N HIS A 269 0.97 36.19 3.19
CA HIS A 269 1.45 34.89 2.70
C HIS A 269 2.64 35.10 1.77
N HIS A 270 3.48 34.08 1.66
CA HIS A 270 4.67 34.14 0.80
C HIS A 270 4.34 33.71 -0.62
N SAH B . 7.17 -1.44 -19.22
CA SAH B . 6.47 -2.13 -18.06
CB SAH B . 7.16 -2.12 -16.74
CG SAH B . 7.98 -3.32 -16.31
SD SAH B . 8.54 -2.90 -14.62
C SAH B . 5.07 -1.44 -17.91
O SAH B . 5.00 -0.20 -17.90
OXT SAH B . 4.09 -2.25 -17.66
C5' SAH B . 8.94 -4.46 -13.93
C4' SAH B . 7.73 -5.08 -13.10
O4' SAH B . 7.49 -4.27 -11.93
C3' SAH B . 6.44 -5.36 -13.80
O3' SAH B . 5.92 -6.64 -13.48
C2' SAH B . 5.56 -4.18 -13.27
O2' SAH B . 4.17 -4.44 -13.39
C1' SAH B . 6.06 -3.88 -11.85
N9 SAH B . 5.95 -2.59 -11.51
C8 SAH B . 6.69 -1.47 -11.82
N7 SAH B . 6.16 -0.34 -11.47
C5 SAH B . 5.04 -0.72 -10.69
C6 SAH B . 3.99 0.07 -10.11
N6 SAH B . 4.03 1.40 -10.03
N1 SAH B . 3.03 -0.64 -9.43
C2 SAH B . 2.96 -2.01 -9.44
N3 SAH B . 3.91 -2.79 -10.05
C4 SAH B . 4.91 -2.09 -10.67
#